data_3OKI
#
_entry.id   3OKI
#
_cell.length_a   72.215
_cell.length_b   84.528
_cell.length_c   190.240
_cell.angle_alpha   90.00
_cell.angle_beta   90.00
_cell.angle_gamma   90.00
#
_symmetry.space_group_name_H-M   'C 2 2 21'
#
loop_
_entity.id
_entity.type
_entity.pdbx_description
1 polymer 'Bile acid receptor'
2 polymer 'peptide of Nuclear receptor coactivator 1'
3 non-polymer (2S)-2-[2-(4-chlorophenyl)-1H-benzimidazol-1-yl]-N,2-dicyclohexylethanamide
4 water water
#
loop_
_entity_poly.entity_id
_entity_poly.type
_entity_poly.pdbx_seq_one_letter_code
_entity_poly.pdbx_strand_id
1 'polypeptide(L)'
;GSHMELTPDQQTLLHFIMDSYNKQRMPQEITNKILKEAFSAEENFLILTEMATNHVQVLVEFTKKLPGFQTLDHEDQIAL
LKGSAVEAMFLRSAEIFNKKLPSGHSDLLEARIRNSGISDEYITPMFSFYKSIGELKMTQEEYALLTAIVILSPDRQYIK
DREAVEKLQEPLLDVLQKLCKIHQPENPQHFACLLGRLTELRTFNHHHAEMLMSWRVNDHKFTPLLCEIWDVQ
;
A,C
2 'polypeptide(L)' KDHQLLRYLLDKDE B,D
#
loop_
_chem_comp.id
_chem_comp.type
_chem_comp.name
_chem_comp.formula
OKI non-polymer (2S)-2-[2-(4-chlorophenyl)-1H-benzimidazol-1-yl]-N,2-dicyclohexylethanamide 'C27 H32 Cl N3 O'
#
# COMPACT_ATOMS: atom_id res chain seq x y z
N MET A 4 -14.82 18.34 -45.20
CA MET A 4 -14.83 17.00 -44.64
C MET A 4 -13.46 16.62 -44.08
N GLU A 5 -12.43 16.77 -44.90
CA GLU A 5 -11.06 16.47 -44.49
C GLU A 5 -10.31 17.74 -44.09
N LEU A 6 -9.21 17.59 -43.37
CA LEU A 6 -8.44 18.73 -42.90
C LEU A 6 -7.87 19.55 -44.05
N THR A 7 -8.11 20.86 -44.01
CA THR A 7 -7.55 21.78 -45.02
C THR A 7 -6.04 21.87 -44.83
N PRO A 8 -5.33 22.41 -45.84
CA PRO A 8 -3.89 22.59 -45.73
C PRO A 8 -3.52 23.40 -44.49
N ASP A 9 -4.31 24.42 -44.19
CA ASP A 9 -4.08 25.26 -43.03
C ASP A 9 -4.27 24.47 -41.73
N GLN A 10 -5.31 23.65 -41.68
CA GLN A 10 -5.61 22.88 -40.49
C GLN A 10 -4.54 21.83 -40.20
N GLN A 11 -3.90 21.31 -41.24
CA GLN A 11 -2.80 20.38 -41.06
C GLN A 11 -1.54 21.11 -40.56
N THR A 12 -1.34 22.33 -41.03
CA THR A 12 -0.24 23.16 -40.57
C THR A 12 -0.39 23.43 -39.07
N LEU A 13 -1.58 23.86 -38.68
CA LEU A 13 -1.87 24.14 -37.28
C LEU A 13 -1.68 22.91 -36.41
N LEU A 14 -2.22 21.78 -36.86
CA LEU A 14 -2.10 20.53 -36.12
C LEU A 14 -0.65 20.14 -35.89
N HIS A 15 0.12 20.08 -36.98
CA HIS A 15 1.53 19.70 -36.88
C HIS A 15 2.30 20.69 -36.02
N PHE A 16 2.03 21.98 -36.23
CA PHE A 16 2.69 23.02 -35.46
C PHE A 16 2.42 22.86 -33.97
N ILE A 17 1.16 22.63 -33.62
CA ILE A 17 0.78 22.41 -32.23
C ILE A 17 1.37 21.12 -31.69
N MET A 18 1.49 20.11 -32.54
CA MET A 18 2.07 18.84 -32.14
C MET A 18 3.56 18.99 -31.82
N ASP A 19 4.25 19.80 -32.63
CA ASP A 19 5.67 20.05 -32.41
C ASP A 19 5.90 20.72 -31.07
N SER A 20 5.09 21.72 -30.76
CA SER A 20 5.19 22.45 -29.50
C SER A 20 4.87 21.57 -28.30
N TYR A 21 3.92 20.64 -28.48
CA TYR A 21 3.50 19.75 -27.40
C TYR A 21 4.56 18.72 -27.07
N ASN A 22 5.32 18.32 -28.08
CA ASN A 22 6.37 17.31 -27.91
C ASN A 22 7.55 17.81 -27.08
N LYS A 23 7.63 19.12 -26.90
CA LYS A 23 8.72 19.72 -26.15
C LYS A 23 8.59 19.39 -24.67
N GLN A 24 7.52 18.69 -24.31
CA GLN A 24 7.27 18.34 -22.92
C GLN A 24 8.16 17.20 -22.45
N ARG A 25 8.31 17.10 -21.13
CA ARG A 25 9.05 16.00 -20.52
C ARG A 25 8.40 14.69 -20.93
N MET A 26 9.19 13.79 -21.52
CA MET A 26 8.67 12.54 -22.05
C MET A 26 8.03 11.66 -20.98
N PRO A 27 6.91 11.01 -21.32
CA PRO A 27 6.15 10.14 -20.42
C PRO A 27 7.00 9.05 -19.78
N GLN A 28 7.90 8.45 -20.53
CA GLN A 28 8.77 7.40 -20.00
C GLN A 28 9.58 7.86 -18.80
N GLU A 29 10.03 9.11 -18.83
CA GLU A 29 10.83 9.66 -17.75
C GLU A 29 10.08 9.63 -16.42
N ILE A 30 8.80 10.00 -16.46
CA ILE A 30 7.96 10.01 -15.26
C ILE A 30 7.74 8.61 -14.71
N THR A 31 7.17 7.74 -15.55
CA THR A 31 6.81 6.38 -15.14
C THR A 31 8.03 5.55 -14.75
N ASN A 32 9.16 5.80 -15.39
CA ASN A 32 10.40 5.11 -15.07
C ASN A 32 10.79 5.26 -13.59
N LYS A 33 10.79 6.49 -13.10
CA LYS A 33 11.22 6.77 -11.74
C LYS A 33 10.21 6.28 -10.70
N ILE A 34 8.93 6.32 -11.04
CA ILE A 34 7.89 5.88 -10.12
C ILE A 34 7.92 4.38 -9.92
N LEU A 35 8.03 3.64 -11.03
CA LEU A 35 8.08 2.18 -10.99
C LEU A 35 9.38 1.68 -10.39
N LYS A 36 10.48 2.38 -10.69
CA LYS A 36 11.81 1.96 -10.26
C LYS A 36 11.90 1.64 -8.77
N GLU A 37 11.53 2.59 -7.93
CA GLU A 37 11.66 2.44 -6.49
C GLU A 37 10.58 3.17 -5.70
N ALA A 38 10.04 2.51 -4.68
CA ALA A 38 9.05 3.13 -3.81
C ALA A 38 9.68 4.23 -2.97
N PHE A 39 9.15 5.44 -3.08
CA PHE A 39 9.65 6.56 -2.29
C PHE A 39 8.70 6.85 -1.13
N SER A 40 9.22 7.51 -0.10
CA SER A 40 8.39 7.93 1.02
C SER A 40 7.49 9.09 0.56
N ALA A 41 6.39 9.28 1.27
CA ALA A 41 5.48 10.39 0.97
C ALA A 41 6.24 11.71 0.91
N GLU A 42 7.32 11.80 1.67
CA GLU A 42 8.17 12.98 1.68
C GLU A 42 8.88 13.15 0.33
N GLU A 43 9.49 12.07 -0.15
CA GLU A 43 10.19 12.10 -1.42
C GLU A 43 9.22 12.30 -2.58
N ASN A 44 8.03 11.72 -2.47
CA ASN A 44 7.02 11.84 -3.51
C ASN A 44 6.54 13.28 -3.66
N PHE A 45 6.23 13.92 -2.53
CA PHE A 45 5.78 15.30 -2.56
C PHE A 45 6.81 16.17 -3.26
N LEU A 46 8.09 15.90 -2.99
CA LEU A 46 9.18 16.66 -3.59
C LEU A 46 9.30 16.36 -5.08
N ILE A 47 9.01 15.13 -5.46
CA ILE A 47 8.99 14.75 -6.86
C ILE A 47 7.87 15.49 -7.58
N LEU A 48 6.71 15.55 -6.93
CA LEU A 48 5.56 16.27 -7.50
C LEU A 48 5.88 17.74 -7.77
N THR A 49 6.42 18.43 -6.78
CA THR A 49 6.70 19.85 -6.90
C THR A 49 7.69 20.16 -8.02
N GLU A 50 8.71 19.31 -8.17
CA GLU A 50 9.71 19.48 -9.21
C GLU A 50 9.12 19.17 -10.58
N MET A 51 8.32 18.10 -10.66
CA MET A 51 7.62 17.76 -11.89
C MET A 51 6.64 18.85 -12.29
N ALA A 52 5.92 19.39 -11.31
CA ALA A 52 4.90 20.39 -11.55
C ALA A 52 5.50 21.74 -11.93
N THR A 53 6.67 22.05 -11.35
CA THR A 53 7.36 23.29 -11.68
C THR A 53 7.85 23.25 -13.13
N ASN A 54 8.45 22.13 -13.52
CA ASN A 54 8.88 21.95 -14.91
C ASN A 54 7.71 22.02 -15.89
N HIS A 55 6.59 21.40 -15.51
CA HIS A 55 5.40 21.38 -16.35
C HIS A 55 4.85 22.77 -16.61
N VAL A 56 4.82 23.61 -15.58
CA VAL A 56 4.33 24.98 -15.73
C VAL A 56 5.26 25.79 -16.63
N GLN A 57 6.56 25.59 -16.48
CA GLN A 57 7.52 26.31 -17.30
C GLN A 57 7.33 25.99 -18.79
N VAL A 58 7.17 24.71 -19.09
CA VAL A 58 6.99 24.28 -20.47
C VAL A 58 5.61 24.66 -20.99
N LEU A 59 4.63 24.67 -20.10
CA LEU A 59 3.27 25.04 -20.45
C LEU A 59 3.21 26.49 -20.90
N VAL A 60 3.96 27.35 -20.21
CA VAL A 60 4.03 28.77 -20.59
C VAL A 60 4.59 28.94 -21.99
N GLU A 61 5.69 28.25 -22.27
CA GLU A 61 6.31 28.30 -23.59
C GLU A 61 5.37 27.74 -24.65
N PHE A 62 4.61 26.71 -24.29
CA PHE A 62 3.64 26.12 -25.19
C PHE A 62 2.50 27.11 -25.46
N THR A 63 2.04 27.75 -24.41
CA THR A 63 0.94 28.72 -24.52
C THR A 63 1.33 29.92 -25.38
N LYS A 64 2.54 30.40 -25.20
CA LYS A 64 3.02 31.57 -25.95
C LYS A 64 3.11 31.31 -27.45
N LYS A 65 3.23 30.04 -27.84
CA LYS A 65 3.32 29.70 -29.25
C LYS A 65 1.95 29.37 -29.86
N LEU A 66 0.91 29.33 -29.05
CA LEU A 66 -0.44 29.13 -29.56
C LEU A 66 -0.83 30.30 -30.45
N PRO A 67 -1.22 30.02 -31.70
CA PRO A 67 -1.57 31.05 -32.68
C PRO A 67 -2.52 32.09 -32.12
N GLY A 68 -2.02 33.32 -31.95
CA GLY A 68 -2.86 34.42 -31.52
C GLY A 68 -2.66 34.87 -30.09
N PHE A 69 -2.09 33.99 -29.26
CA PHE A 69 -1.95 34.28 -27.83
C PHE A 69 -1.12 35.54 -27.55
N GLN A 70 -0.17 35.84 -28.43
CA GLN A 70 0.71 36.99 -28.24
C GLN A 70 0.01 38.32 -28.42
N THR A 71 -1.09 38.31 -29.17
CA THR A 71 -1.82 39.55 -29.47
C THR A 71 -2.92 39.82 -28.44
N LEU A 72 -3.03 38.96 -27.44
CA LEU A 72 -4.02 39.14 -26.38
C LEU A 72 -3.56 40.18 -25.36
N ASP A 73 -4.52 40.76 -24.66
CA ASP A 73 -4.22 41.71 -23.58
C ASP A 73 -3.34 41.04 -22.53
N HIS A 74 -2.29 41.72 -22.12
CA HIS A 74 -1.31 41.14 -21.19
C HIS A 74 -1.93 40.55 -19.92
N GLU A 75 -2.95 41.21 -19.39
CA GLU A 75 -3.59 40.73 -18.17
C GLU A 75 -4.48 39.52 -18.43
N ASP A 76 -5.01 39.43 -19.65
CA ASP A 76 -5.78 38.27 -20.04
C ASP A 76 -4.88 37.07 -20.24
N GLN A 77 -3.69 37.31 -20.80
CA GLN A 77 -2.69 36.26 -20.94
C GLN A 77 -2.47 35.59 -19.59
N ILE A 78 -2.20 36.42 -18.58
CA ILE A 78 -2.01 35.94 -17.22
C ILE A 78 -3.23 35.18 -16.74
N ALA A 79 -4.41 35.75 -16.97
CA ALA A 79 -5.65 35.14 -16.51
C ALA A 79 -5.88 33.76 -17.12
N LEU A 80 -5.50 33.60 -18.40
CA LEU A 80 -5.65 32.33 -19.08
C LEU A 80 -4.72 31.25 -18.53
N LEU A 81 -3.44 31.60 -18.33
CA LEU A 81 -2.46 30.65 -17.82
C LEU A 81 -2.76 30.24 -16.39
N LYS A 82 -3.07 31.24 -15.56
CA LYS A 82 -3.37 31.00 -14.15
C LYS A 82 -4.63 30.12 -13.99
N GLY A 83 -5.56 30.25 -14.93
CA GLY A 83 -6.83 29.53 -14.83
C GLY A 83 -6.81 28.11 -15.39
N SER A 84 -5.77 27.75 -16.13
CA SER A 84 -5.73 26.45 -16.78
C SER A 84 -4.55 25.59 -16.34
N ALA A 85 -3.63 26.17 -15.58
CA ALA A 85 -2.40 25.48 -15.22
C ALA A 85 -2.66 24.16 -14.51
N VAL A 86 -3.60 24.16 -13.56
CA VAL A 86 -3.92 22.97 -12.79
C VAL A 86 -4.61 21.92 -13.66
N GLU A 87 -5.54 22.36 -14.49
CA GLU A 87 -6.26 21.45 -15.39
C GLU A 87 -5.32 20.82 -16.40
N ALA A 88 -4.40 21.60 -16.95
CA ALA A 88 -3.44 21.08 -17.90
C ALA A 88 -2.56 20.02 -17.25
N MET A 89 -2.20 20.25 -16.00
CA MET A 89 -1.33 19.32 -15.29
C MET A 89 -1.99 17.97 -15.07
N PHE A 90 -3.26 17.97 -14.68
CA PHE A 90 -3.99 16.71 -14.50
C PHE A 90 -4.27 16.03 -15.82
N LEU A 91 -4.45 16.81 -16.88
CA LEU A 91 -4.69 16.25 -18.20
C LEU A 91 -3.43 15.52 -18.68
N ARG A 92 -2.27 16.14 -18.44
CA ARG A 92 -0.99 15.52 -18.79
C ARG A 92 -0.73 14.28 -17.93
N SER A 93 -1.14 14.32 -16.66
CA SER A 93 -1.02 13.16 -15.79
C SER A 93 -1.88 12.02 -16.33
N ALA A 94 -3.09 12.36 -16.77
CA ALA A 94 -3.99 11.36 -17.33
C ALA A 94 -3.38 10.69 -18.55
N GLU A 95 -2.75 11.48 -19.41
CA GLU A 95 -2.10 10.95 -20.60
C GLU A 95 -1.02 9.96 -20.23
N ILE A 96 -0.18 10.35 -19.28
CA ILE A 96 0.93 9.51 -18.83
C ILE A 96 0.44 8.24 -18.15
N PHE A 97 -0.66 8.37 -17.41
CA PHE A 97 -1.22 7.24 -16.67
C PHE A 97 -1.76 6.16 -17.58
N ASN A 98 -2.32 6.57 -18.71
CA ASN A 98 -2.96 5.63 -19.63
C ASN A 98 -2.08 5.26 -20.83
N LYS A 99 -0.79 5.57 -20.73
CA LYS A 99 0.16 5.22 -21.78
C LYS A 99 0.58 3.76 -21.66
N LYS A 100 0.70 3.09 -22.81
CA LYS A 100 0.99 1.66 -22.85
C LYS A 100 2.31 1.30 -22.15
N LEU A 101 2.20 0.44 -21.15
CA LEU A 101 3.36 -0.07 -20.44
C LEU A 101 3.33 -1.59 -20.40
N PRO A 102 4.50 -2.22 -20.16
CA PRO A 102 4.57 -3.68 -20.05
C PRO A 102 3.53 -4.23 -19.09
N SER A 103 3.10 -5.47 -19.33
CA SER A 103 2.07 -6.11 -18.53
C SER A 103 2.34 -5.95 -17.03
N GLY A 104 1.28 -5.61 -16.28
CA GLY A 104 1.37 -5.50 -14.84
C GLY A 104 1.80 -4.11 -14.36
N HIS A 105 2.69 -3.47 -15.12
CA HIS A 105 3.23 -2.17 -14.74
C HIS A 105 2.12 -1.15 -14.44
N SER A 106 1.07 -1.15 -15.25
CA SER A 106 -0.03 -0.22 -15.06
C SER A 106 -0.67 -0.38 -13.69
N ASP A 107 -0.69 -1.62 -13.19
CA ASP A 107 -1.22 -1.90 -11.86
C ASP A 107 -0.25 -1.38 -10.79
N LEU A 108 1.03 -1.46 -11.08
CA LEU A 108 2.05 -1.00 -10.15
C LEU A 108 2.06 0.53 -10.07
N LEU A 109 2.10 1.17 -11.24
CA LEU A 109 2.05 2.63 -11.30
C LEU A 109 0.86 3.16 -10.51
N GLU A 110 -0.32 2.61 -10.77
CA GLU A 110 -1.53 3.01 -10.08
C GLU A 110 -1.38 2.82 -8.56
N ALA A 111 -0.75 1.71 -8.18
CA ALA A 111 -0.53 1.40 -6.77
C ALA A 111 0.45 2.37 -6.12
N ARG A 112 1.51 2.71 -6.84
CA ARG A 112 2.48 3.69 -6.37
C ARG A 112 1.80 5.02 -6.10
N ILE A 113 1.06 5.51 -7.09
CA ILE A 113 0.39 6.80 -6.97
C ILE A 113 -0.64 6.76 -5.84
N ARG A 114 -1.39 5.67 -5.74
CA ARG A 114 -2.40 5.52 -4.71
C ARG A 114 -1.79 5.67 -3.32
N ASN A 115 -0.55 5.19 -3.16
CA ASN A 115 0.16 5.27 -1.90
C ASN A 115 1.31 6.28 -1.94
N SER A 116 1.14 7.34 -2.73
CA SER A 116 2.19 8.35 -2.88
C SER A 116 2.28 9.24 -1.65
N GLY A 117 1.20 9.30 -0.89
CA GLY A 117 1.11 10.20 0.25
C GLY A 117 -0.10 11.10 0.13
N ILE A 118 -0.74 11.04 -1.04
CA ILE A 118 -1.95 11.80 -1.30
C ILE A 118 -3.11 11.29 -0.45
N SER A 119 -3.96 12.19 0.02
CA SER A 119 -5.08 11.84 0.89
C SER A 119 -6.10 10.97 0.16
N ASP A 120 -6.61 9.97 0.86
CA ASP A 120 -7.63 9.08 0.31
C ASP A 120 -8.81 9.88 -0.20
N GLU A 121 -9.07 11.00 0.47
CA GLU A 121 -10.16 11.89 0.14
C GLU A 121 -10.11 12.32 -1.32
N TYR A 122 -8.91 12.34 -1.89
CA TYR A 122 -8.72 12.85 -3.25
C TYR A 122 -8.25 11.77 -4.22
N ILE A 123 -7.95 10.59 -3.70
CA ILE A 123 -7.51 9.48 -4.55
C ILE A 123 -8.64 9.01 -5.46
N THR A 124 -9.86 9.09 -4.95
CA THR A 124 -11.03 8.60 -5.68
C THR A 124 -11.36 9.39 -6.95
N PRO A 125 -11.58 10.71 -6.81
CA PRO A 125 -11.92 11.51 -7.99
C PRO A 125 -10.81 11.52 -9.04
N MET A 126 -9.56 11.56 -8.57
CA MET A 126 -8.42 11.59 -9.49
C MET A 126 -8.38 10.36 -10.38
N PHE A 127 -8.50 9.18 -9.80
CA PHE A 127 -8.50 7.95 -10.59
C PHE A 127 -9.78 7.80 -11.41
N SER A 128 -10.87 8.34 -10.88
CA SER A 128 -12.14 8.35 -11.60
C SER A 128 -11.97 9.09 -12.93
N PHE A 129 -11.30 10.24 -12.87
CA PHE A 129 -11.01 11.02 -14.07
C PHE A 129 -10.00 10.32 -14.97
N TYR A 130 -8.93 9.79 -14.38
CA TYR A 130 -7.91 9.08 -15.16
C TYR A 130 -8.52 7.95 -15.98
N LYS A 131 -9.37 7.15 -15.34
CA LYS A 131 -10.02 6.03 -16.01
C LYS A 131 -10.98 6.50 -17.09
N SER A 132 -11.74 7.56 -16.80
CA SER A 132 -12.66 8.13 -17.77
C SER A 132 -11.93 8.58 -19.03
N ILE A 133 -10.71 9.08 -18.85
CA ILE A 133 -9.88 9.51 -19.97
C ILE A 133 -9.38 8.32 -20.79
N GLY A 134 -8.97 7.27 -20.09
CA GLY A 134 -8.45 6.08 -20.75
C GLY A 134 -9.47 5.40 -21.64
N GLU A 135 -10.74 5.49 -21.27
CA GLU A 135 -11.81 4.85 -22.02
C GLU A 135 -12.06 5.55 -23.36
N LEU A 136 -11.38 6.67 -23.58
CA LEU A 136 -11.59 7.47 -24.77
C LEU A 136 -10.58 7.16 -25.89
N LYS A 137 -9.59 6.32 -25.58
CA LYS A 137 -8.61 5.91 -26.58
C LYS A 137 -8.05 7.11 -27.33
N MET A 138 -7.76 8.17 -26.58
CA MET A 138 -7.25 9.41 -27.18
C MET A 138 -5.88 9.21 -27.83
N THR A 139 -5.63 9.96 -28.89
CA THR A 139 -4.34 9.93 -29.57
C THR A 139 -3.47 11.08 -29.08
N GLN A 140 -2.22 11.10 -29.51
CA GLN A 140 -1.29 12.15 -29.11
C GLN A 140 -1.75 13.53 -29.61
N GLU A 141 -2.32 13.55 -30.81
CA GLU A 141 -2.80 14.79 -31.40
C GLU A 141 -4.03 15.31 -30.64
N GLU A 142 -4.81 14.40 -30.10
CA GLU A 142 -6.01 14.78 -29.36
C GLU A 142 -5.68 15.41 -28.01
N TYR A 143 -4.73 14.81 -27.29
CA TYR A 143 -4.26 15.37 -26.03
C TYR A 143 -3.75 16.79 -26.23
N ALA A 144 -2.92 16.98 -27.26
CA ALA A 144 -2.32 18.28 -27.54
C ALA A 144 -3.38 19.35 -27.84
N LEU A 145 -4.33 19.01 -28.71
CA LEU A 145 -5.41 19.93 -29.04
C LEU A 145 -6.27 20.25 -27.82
N LEU A 146 -6.60 19.22 -27.06
CA LEU A 146 -7.45 19.40 -25.90
C LEU A 146 -6.78 20.33 -24.90
N THR A 147 -5.47 20.18 -24.74
CA THR A 147 -4.70 21.02 -23.83
C THR A 147 -4.71 22.47 -24.31
N ALA A 148 -4.59 22.67 -25.61
CA ALA A 148 -4.68 24.01 -26.20
C ALA A 148 -6.08 24.59 -25.97
N ILE A 149 -7.09 23.76 -26.13
CA ILE A 149 -8.47 24.18 -25.93
C ILE A 149 -8.72 24.55 -24.47
N VAL A 150 -8.12 23.78 -23.56
CA VAL A 150 -8.23 24.07 -22.13
C VAL A 150 -7.63 25.43 -21.80
N ILE A 151 -6.47 25.72 -22.36
CA ILE A 151 -5.78 26.98 -22.12
C ILE A 151 -6.55 28.18 -22.66
N LEU A 152 -7.05 28.05 -23.89
CA LEU A 152 -7.77 29.15 -24.53
C LEU A 152 -9.26 29.09 -24.22
N SER A 153 -9.59 28.94 -22.94
CA SER A 153 -10.98 28.94 -22.51
C SER A 153 -11.46 30.36 -22.26
N PRO A 154 -12.40 30.83 -23.10
CA PRO A 154 -12.95 32.18 -22.98
C PRO A 154 -13.79 32.35 -21.73
N ASP A 155 -14.49 31.29 -21.33
CA ASP A 155 -15.33 31.33 -20.14
C ASP A 155 -14.51 31.16 -18.85
N ARG A 156 -13.32 31.76 -18.83
CA ARG A 156 -12.47 31.74 -17.66
C ARG A 156 -12.65 33.05 -16.89
N GLN A 157 -12.35 33.01 -15.59
CA GLN A 157 -12.61 34.16 -14.73
C GLN A 157 -11.63 35.30 -14.94
N TYR A 158 -12.09 36.52 -14.70
CA TYR A 158 -11.26 37.73 -14.81
C TYR A 158 -10.91 38.09 -16.26
N ILE A 159 -11.33 37.25 -17.20
CA ILE A 159 -11.09 37.54 -18.61
C ILE A 159 -11.93 38.74 -19.04
N LYS A 160 -11.26 39.79 -19.51
CA LYS A 160 -11.92 41.03 -19.88
C LYS A 160 -12.49 41.00 -21.30
N ASP A 161 -11.70 40.49 -22.24
CA ASP A 161 -12.13 40.41 -23.63
C ASP A 161 -12.31 38.95 -24.05
N ARG A 162 -13.50 38.42 -23.78
CA ARG A 162 -13.78 37.01 -24.03
C ARG A 162 -13.88 36.66 -25.51
N GLU A 163 -14.34 37.62 -26.32
CA GLU A 163 -14.49 37.38 -27.76
C GLU A 163 -13.14 37.10 -28.41
N ALA A 164 -12.10 37.80 -27.97
CA ALA A 164 -10.77 37.61 -28.53
C ALA A 164 -10.27 36.18 -28.30
N VAL A 165 -10.52 35.66 -27.10
CA VAL A 165 -10.11 34.30 -26.76
C VAL A 165 -10.91 33.28 -27.55
N GLU A 166 -12.22 33.51 -27.68
CA GLU A 166 -13.09 32.63 -28.45
C GLU A 166 -12.54 32.43 -29.86
N LYS A 167 -12.23 33.54 -30.53
CA LYS A 167 -11.68 33.50 -31.88
C LYS A 167 -10.49 32.55 -32.01
N LEU A 168 -9.70 32.45 -30.95
CA LEU A 168 -8.50 31.62 -30.97
C LEU A 168 -8.81 30.16 -30.66
N GLN A 169 -9.87 29.93 -29.89
CA GLN A 169 -10.24 28.57 -29.49
C GLN A 169 -11.00 27.84 -30.59
N GLU A 170 -11.78 28.59 -31.36
CA GLU A 170 -12.63 28.02 -32.41
C GLU A 170 -11.89 27.09 -33.38
N PRO A 171 -10.80 27.59 -34.00
CA PRO A 171 -10.08 26.78 -34.99
C PRO A 171 -9.54 25.48 -34.41
N LEU A 172 -9.15 25.49 -33.15
CA LEU A 172 -8.64 24.29 -32.49
C LEU A 172 -9.76 23.26 -32.30
N LEU A 173 -10.94 23.74 -31.91
CA LEU A 173 -12.10 22.88 -31.78
C LEU A 173 -12.47 22.24 -33.12
N ASP A 174 -12.47 23.05 -34.18
CA ASP A 174 -12.79 22.54 -35.52
C ASP A 174 -11.86 21.41 -35.93
N VAL A 175 -10.57 21.60 -35.71
CA VAL A 175 -9.58 20.58 -36.01
C VAL A 175 -9.81 19.32 -35.17
N LEU A 176 -10.02 19.51 -33.88
CA LEU A 176 -10.26 18.39 -32.99
C LEU A 176 -11.49 17.62 -33.44
N GLN A 177 -12.53 18.34 -33.79
CA GLN A 177 -13.79 17.73 -34.23
C GLN A 177 -13.57 16.86 -35.46
N LYS A 178 -12.82 17.37 -36.43
CA LYS A 178 -12.53 16.59 -37.63
C LYS A 178 -11.72 15.35 -37.29
N LEU A 179 -10.75 15.48 -36.39
CA LEU A 179 -9.94 14.35 -35.97
C LEU A 179 -10.78 13.23 -35.37
N CYS A 180 -11.74 13.61 -34.51
CA CYS A 180 -12.59 12.64 -33.84
C CYS A 180 -13.48 11.89 -34.82
N LYS A 181 -13.98 12.61 -35.82
CA LYS A 181 -14.90 12.03 -36.81
C LYS A 181 -14.15 11.13 -37.79
N ILE A 182 -12.83 11.12 -37.70
CA ILE A 182 -12.01 10.33 -38.60
C ILE A 182 -11.34 9.14 -37.90
N HIS A 183 -10.63 9.42 -36.82
CA HIS A 183 -9.94 8.37 -36.06
C HIS A 183 -10.91 7.45 -35.34
N GLN A 184 -12.17 7.86 -35.25
CA GLN A 184 -13.17 7.09 -34.53
C GLN A 184 -14.57 7.27 -35.13
N PRO A 185 -14.75 6.82 -36.39
CA PRO A 185 -16.01 6.96 -37.11
C PRO A 185 -17.13 6.14 -36.48
N GLU A 186 -16.76 5.10 -35.74
CA GLU A 186 -17.74 4.21 -35.12
C GLU A 186 -18.47 4.88 -33.96
N ASN A 187 -17.80 5.83 -33.30
CA ASN A 187 -18.36 6.54 -32.16
C ASN A 187 -18.66 8.00 -32.48
N PRO A 188 -19.90 8.29 -32.91
CA PRO A 188 -20.34 9.65 -33.23
C PRO A 188 -20.62 10.46 -31.96
N GLN A 189 -19.93 10.11 -30.89
CA GLN A 189 -20.06 10.80 -29.62
C GLN A 189 -18.68 11.14 -29.04
N HIS A 190 -17.65 10.69 -29.73
CA HIS A 190 -16.27 10.84 -29.26
C HIS A 190 -15.92 12.30 -28.96
N PHE A 191 -16.24 13.20 -29.90
CA PHE A 191 -15.91 14.61 -29.74
C PHE A 191 -16.62 15.24 -28.56
N ALA A 192 -17.93 15.00 -28.46
CA ALA A 192 -18.72 15.54 -27.37
C ALA A 192 -18.25 14.97 -26.03
N CYS A 193 -17.81 13.72 -26.04
CA CYS A 193 -17.33 13.07 -24.83
C CYS A 193 -15.99 13.64 -24.39
N LEU A 194 -15.16 14.05 -25.35
CA LEU A 194 -13.90 14.70 -25.04
C LEU A 194 -14.17 16.05 -24.38
N LEU A 195 -15.13 16.78 -24.92
CA LEU A 195 -15.50 18.09 -24.36
C LEU A 195 -16.15 17.95 -22.99
N GLY A 196 -16.77 16.79 -22.75
CA GLY A 196 -17.44 16.54 -21.49
C GLY A 196 -16.47 16.29 -20.35
N ARG A 197 -15.32 15.72 -20.66
CA ARG A 197 -14.30 15.47 -19.66
C ARG A 197 -13.66 16.76 -19.16
N LEU A 198 -13.73 17.81 -19.97
CA LEU A 198 -13.18 19.10 -19.60
C LEU A 198 -13.89 19.71 -18.40
N THR A 199 -15.19 19.46 -18.28
CA THR A 199 -15.97 19.93 -17.14
C THR A 199 -15.58 19.18 -15.87
N GLU A 200 -15.33 17.88 -16.01
CA GLU A 200 -14.85 17.07 -14.91
C GLU A 200 -13.43 17.52 -14.54
N LEU A 201 -12.68 17.95 -15.54
CA LEU A 201 -11.33 18.45 -15.32
C LEU A 201 -11.34 19.71 -14.47
N ARG A 202 -12.38 20.53 -14.61
CA ARG A 202 -12.45 21.80 -13.90
C ARG A 202 -12.68 21.64 -12.40
N THR A 203 -13.22 20.50 -12.00
CA THR A 203 -13.50 20.26 -10.58
C THR A 203 -12.24 20.16 -9.74
N PHE A 204 -11.10 19.91 -10.39
CA PHE A 204 -9.84 19.79 -9.69
C PHE A 204 -9.28 21.16 -9.27
N ASN A 205 -9.91 22.22 -9.77
CA ASN A 205 -9.50 23.58 -9.41
C ASN A 205 -9.81 23.94 -7.95
N HIS A 206 -11.06 23.71 -7.55
CA HIS A 206 -11.54 24.19 -6.26
C HIS A 206 -10.81 23.59 -5.06
N HIS A 207 -10.61 22.28 -5.09
CA HIS A 207 -9.97 21.60 -3.98
C HIS A 207 -8.58 21.08 -4.35
N HIS A 208 -7.81 21.90 -5.08
CA HIS A 208 -6.45 21.53 -5.43
C HIS A 208 -5.50 21.86 -4.29
N ALA A 209 -5.67 23.04 -3.71
CA ALA A 209 -4.85 23.47 -2.58
C ALA A 209 -5.01 22.52 -1.39
N GLU A 210 -6.26 22.16 -1.09
CA GLU A 210 -6.55 21.21 -0.02
C GLU A 210 -5.93 19.86 -0.31
N MET A 211 -5.92 19.49 -1.59
CA MET A 211 -5.34 18.24 -2.02
C MET A 211 -3.85 18.18 -1.72
N LEU A 212 -3.17 19.32 -1.91
CA LEU A 212 -1.73 19.40 -1.68
C LEU A 212 -1.37 19.57 -0.21
N MET A 213 -2.08 20.44 0.48
CA MET A 213 -1.83 20.70 1.89
C MET A 213 -2.13 19.47 2.74
N SER A 214 -3.00 18.60 2.23
CA SER A 214 -3.38 17.40 2.95
C SER A 214 -2.44 16.24 2.67
N TRP A 215 -1.41 16.49 1.86
CA TRP A 215 -0.42 15.46 1.56
C TRP A 215 0.16 14.95 2.88
N ARG A 216 0.28 13.64 3.00
CA ARG A 216 0.67 13.01 4.26
C ARG A 216 2.14 13.26 4.62
N VAL A 217 2.51 14.53 4.72
CA VAL A 217 3.86 14.90 5.12
C VAL A 217 3.80 16.03 6.14
N ASN A 218 4.91 16.27 6.83
CA ASN A 218 4.97 17.28 7.89
C ASN A 218 5.18 18.70 7.36
N ASP A 219 5.98 18.82 6.30
CA ASP A 219 6.26 20.12 5.71
C ASP A 219 5.73 20.20 4.27
N HIS A 220 5.07 21.30 3.94
CA HIS A 220 4.55 21.51 2.60
C HIS A 220 5.20 22.73 1.97
N LYS A 221 6.41 22.55 1.44
CA LYS A 221 7.13 23.64 0.80
C LYS A 221 6.99 23.56 -0.71
N PHE A 222 6.67 24.68 -1.33
CA PHE A 222 6.53 24.75 -2.79
C PHE A 222 7.55 25.71 -3.37
N THR A 223 7.71 25.68 -4.69
CA THR A 223 8.59 26.60 -5.37
C THR A 223 7.87 27.93 -5.61
N PRO A 224 8.63 29.04 -5.68
CA PRO A 224 8.05 30.37 -5.90
C PRO A 224 7.09 30.40 -7.07
N LEU A 225 7.39 29.66 -8.13
CA LEU A 225 6.54 29.63 -9.31
C LEU A 225 5.22 28.94 -9.03
N LEU A 226 5.28 27.84 -8.28
CA LEU A 226 4.07 27.10 -7.93
C LEU A 226 3.14 27.91 -7.01
N CYS A 227 3.74 28.72 -6.15
CA CYS A 227 2.95 29.56 -5.24
C CYS A 227 2.09 30.57 -6.01
N GLU A 228 2.62 31.06 -7.13
CA GLU A 228 1.87 32.01 -7.96
C GLU A 228 0.77 31.30 -8.71
N ILE A 229 1.09 30.15 -9.28
CA ILE A 229 0.15 29.44 -10.14
C ILE A 229 -0.91 28.68 -9.32
N TRP A 230 -0.46 28.03 -8.24
CA TRP A 230 -1.37 27.37 -7.33
C TRP A 230 -1.76 28.37 -6.24
N ASP A 231 -2.69 27.97 -5.38
CA ASP A 231 -3.14 28.85 -4.30
C ASP A 231 -2.66 28.31 -2.95
N VAL A 232 -1.34 28.28 -2.77
CA VAL A 232 -0.75 27.69 -1.58
C VAL A 232 0.36 28.56 -1.00
N GLN A 233 0.73 28.28 0.25
CA GLN A 233 1.81 28.98 0.95
C GLN A 233 1.64 30.50 0.88
N ASP B 2 1.29 38.97 -6.77
CA ASP B 2 1.27 39.87 -7.92
C ASP B 2 1.53 39.14 -9.24
N HIS B 3 1.93 37.87 -9.14
CA HIS B 3 2.16 37.04 -10.32
C HIS B 3 3.31 37.54 -11.19
N GLN B 4 4.35 38.10 -10.57
CA GLN B 4 5.45 38.68 -11.36
C GLN B 4 6.32 37.64 -12.06
N LEU B 5 6.42 36.44 -11.49
CA LEU B 5 7.14 35.36 -12.14
C LEU B 5 6.46 34.97 -13.45
N LEU B 6 5.14 34.80 -13.41
CA LEU B 6 4.38 34.47 -14.61
C LEU B 6 4.51 35.57 -15.65
N ARG B 7 4.37 36.81 -15.21
CA ARG B 7 4.48 37.96 -16.10
C ARG B 7 5.83 37.97 -16.81
N TYR B 8 6.88 37.62 -16.08
CA TYR B 8 8.22 37.59 -16.65
C TYR B 8 8.35 36.52 -17.74
N LEU B 9 7.88 35.32 -17.44
CA LEU B 9 7.94 34.21 -18.38
C LEU B 9 7.16 34.49 -19.66
N LEU B 10 6.11 35.30 -19.53
CA LEU B 10 5.28 35.66 -20.67
C LEU B 10 5.86 36.79 -21.50
N ASP B 11 6.96 37.37 -21.03
CA ASP B 11 7.55 38.53 -21.70
C ASP B 11 8.92 38.28 -22.32
N LYS B 12 9.93 38.03 -21.48
CA LYS B 12 11.29 37.83 -21.97
C LYS B 12 11.93 36.54 -21.47
N ASP B 13 11.10 35.56 -21.11
CA ASP B 13 11.58 34.25 -20.68
C ASP B 13 12.60 34.38 -19.55
N MET C 4 -3.76 2.72 5.30
CA MET C 4 -4.42 3.47 6.36
C MET C 4 -3.51 3.55 7.59
N GLU C 5 -3.15 4.77 7.97
CA GLU C 5 -2.24 4.98 9.10
C GLU C 5 -2.84 4.53 10.42
N LEU C 6 -1.97 4.14 11.36
CA LEU C 6 -2.39 3.78 12.70
C LEU C 6 -2.83 5.03 13.44
N THR C 7 -3.85 4.89 14.30
CA THR C 7 -4.26 5.99 15.16
C THR C 7 -3.34 6.04 16.38
N PRO C 8 -3.31 7.20 17.06
CA PRO C 8 -2.48 7.33 18.27
C PRO C 8 -2.74 6.20 19.27
N ASP C 9 -4.00 5.83 19.45
CA ASP C 9 -4.35 4.76 20.38
C ASP C 9 -3.89 3.39 19.89
N GLN C 10 -3.94 3.18 18.58
CA GLN C 10 -3.50 1.93 17.99
C GLN C 10 -2.00 1.74 18.13
N GLN C 11 -1.25 2.82 17.96
CA GLN C 11 0.20 2.77 18.09
C GLN C 11 0.58 2.46 19.54
N THR C 12 -0.27 2.90 20.47
CA THR C 12 -0.06 2.64 21.89
C THR C 12 -0.42 1.21 22.25
N LEU C 13 -1.43 0.67 21.58
CA LEU C 13 -1.81 -0.73 21.78
C LEU C 13 -0.72 -1.64 21.21
N LEU C 14 -0.25 -1.30 20.02
CA LEU C 14 0.81 -2.05 19.36
C LEU C 14 2.04 -2.15 20.26
N HIS C 15 2.54 -1.01 20.70
CA HIS C 15 3.71 -0.96 21.58
C HIS C 15 3.52 -1.79 22.84
N PHE C 16 2.29 -1.82 23.36
CA PHE C 16 2.00 -2.59 24.57
C PHE C 16 2.04 -4.08 24.30
N ILE C 17 1.50 -4.50 23.16
CA ILE C 17 1.50 -5.89 22.76
C ILE C 17 2.93 -6.39 22.55
N MET C 18 3.75 -5.55 21.90
CA MET C 18 5.15 -5.87 21.66
C MET C 18 5.93 -5.97 22.97
N ASP C 19 5.64 -5.07 23.89
CA ASP C 19 6.28 -5.07 25.20
C ASP C 19 6.11 -6.44 25.86
N SER C 20 4.89 -6.96 25.84
CA SER C 20 4.62 -8.27 26.42
C SER C 20 5.27 -9.37 25.59
N TYR C 21 5.17 -9.25 24.26
CA TYR C 21 5.67 -10.28 23.35
C TYR C 21 7.18 -10.47 23.46
N ASN C 22 7.90 -9.40 23.78
CA ASN C 22 9.35 -9.44 23.88
C ASN C 22 9.84 -10.13 25.16
N LYS C 23 8.91 -10.48 26.04
CA LYS C 23 9.26 -11.18 27.27
C LYS C 23 9.57 -12.65 26.99
N GLN C 24 9.44 -13.04 25.73
CA GLN C 24 9.71 -14.42 25.33
C GLN C 24 11.20 -14.72 25.31
N ARG C 25 11.55 -15.98 25.55
CA ARG C 25 12.94 -16.43 25.47
C ARG C 25 13.54 -16.06 24.12
N MET C 26 14.72 -15.45 24.13
CA MET C 26 15.35 -14.97 22.91
C MET C 26 15.58 -16.09 21.90
N PRO C 27 15.19 -15.84 20.64
CA PRO C 27 15.33 -16.80 19.53
C PRO C 27 16.78 -17.22 19.33
N GLN C 28 17.70 -16.25 19.31
CA GLN C 28 19.11 -16.53 19.17
C GLN C 28 19.58 -17.50 20.24
N GLU C 29 19.04 -17.35 21.45
CA GLU C 29 19.37 -18.22 22.57
C GLU C 29 19.00 -19.68 22.25
N ILE C 30 17.88 -19.85 21.56
CA ILE C 30 17.39 -21.18 21.20
C ILE C 30 18.20 -21.80 20.06
N THR C 31 18.49 -21.00 19.03
CA THR C 31 19.20 -21.49 17.86
C THR C 31 20.67 -21.80 18.15
N ASN C 32 21.31 -20.98 18.97
CA ASN C 32 22.68 -21.25 19.37
C ASN C 32 22.79 -22.61 20.07
N LYS C 33 21.77 -22.94 20.84
CA LYS C 33 21.69 -24.22 21.53
C LYS C 33 21.70 -25.39 20.55
N ILE C 34 21.01 -25.21 19.44
CA ILE C 34 20.85 -26.28 18.44
C ILE C 34 22.07 -26.39 17.53
N LEU C 35 22.70 -25.25 17.23
CA LEU C 35 23.83 -25.21 16.31
C LEU C 35 25.14 -25.69 16.94
N LYS C 36 25.32 -25.37 18.23
CA LYS C 36 26.54 -25.74 18.94
C LYS C 36 26.83 -27.23 18.86
N GLU C 37 25.92 -28.04 19.40
CA GLU C 37 26.12 -29.49 19.43
C GLU C 37 24.98 -30.25 18.74
N ALA C 38 25.26 -31.48 18.34
CA ALA C 38 24.23 -32.37 17.86
C ALA C 38 23.81 -33.27 19.01
N PHE C 39 22.50 -33.46 19.18
CA PHE C 39 21.99 -34.24 20.29
C PHE C 39 21.23 -35.46 19.81
N SER C 40 21.08 -36.44 20.68
CA SER C 40 20.33 -37.65 20.36
C SER C 40 18.83 -37.34 20.34
N ALA C 41 18.04 -38.30 19.87
CA ALA C 41 16.59 -38.13 19.79
C ALA C 41 15.99 -38.02 21.19
N GLU C 42 16.62 -38.69 22.15
CA GLU C 42 16.16 -38.66 23.53
C GLU C 42 16.49 -37.32 24.18
N GLU C 43 17.62 -36.74 23.80
CA GLU C 43 18.04 -35.45 24.35
C GLU C 43 17.21 -34.32 23.77
N ASN C 44 16.84 -34.44 22.50
CA ASN C 44 16.04 -33.43 21.84
C ASN C 44 14.61 -33.38 22.35
N PHE C 45 14.07 -34.53 22.73
CA PHE C 45 12.72 -34.60 23.28
C PHE C 45 12.66 -33.80 24.57
N LEU C 46 13.71 -33.94 25.38
CA LEU C 46 13.80 -33.25 26.66
C LEU C 46 13.98 -31.76 26.46
N ILE C 47 14.70 -31.37 25.41
CA ILE C 47 14.87 -29.97 25.07
C ILE C 47 13.54 -29.35 24.65
N LEU C 48 12.73 -30.13 23.94
CA LEU C 48 11.43 -29.66 23.47
C LEU C 48 10.46 -29.40 24.61
N THR C 49 10.29 -30.39 25.48
CA THR C 49 9.34 -30.26 26.58
C THR C 49 9.70 -29.11 27.49
N GLU C 50 11.00 -28.84 27.62
CA GLU C 50 11.48 -27.72 28.43
C GLU C 50 11.19 -26.39 27.75
N MET C 51 11.43 -26.34 26.44
CA MET C 51 11.13 -25.15 25.65
C MET C 51 9.63 -24.89 25.62
N ALA C 52 8.85 -25.95 25.46
CA ALA C 52 7.39 -25.84 25.40
C ALA C 52 6.82 -25.39 26.73
N THR C 53 7.37 -25.93 27.82
CA THR C 53 6.93 -25.56 29.16
C THR C 53 7.12 -24.07 29.42
N ASN C 54 8.29 -23.56 29.03
CA ASN C 54 8.59 -22.14 29.21
C ASN C 54 7.72 -21.27 28.31
N HIS C 55 7.53 -21.71 27.07
CA HIS C 55 6.70 -20.98 26.11
C HIS C 55 5.30 -20.77 26.66
N VAL C 56 4.73 -21.82 27.25
CA VAL C 56 3.38 -21.75 27.80
C VAL C 56 3.30 -20.76 28.97
N GLN C 57 4.26 -20.84 29.88
CA GLN C 57 4.31 -19.92 31.02
C GLN C 57 4.26 -18.48 30.53
N VAL C 58 5.13 -18.16 29.58
CA VAL C 58 5.20 -16.83 29.01
C VAL C 58 3.92 -16.50 28.24
N LEU C 59 3.37 -17.51 27.56
CA LEU C 59 2.15 -17.33 26.78
C LEU C 59 1.00 -16.87 27.65
N VAL C 60 0.86 -17.48 28.82
CA VAL C 60 -0.23 -17.14 29.73
C VAL C 60 -0.11 -15.70 30.23
N GLU C 61 1.11 -15.31 30.58
CA GLU C 61 1.36 -13.93 31.00
C GLU C 61 0.99 -12.97 29.88
N PHE C 62 1.43 -13.27 28.66
CA PHE C 62 1.11 -12.48 27.48
C PHE C 62 -0.40 -12.39 27.29
N THR C 63 -1.07 -13.52 27.49
CA THR C 63 -2.52 -13.61 27.31
C THR C 63 -3.28 -12.75 28.33
N LYS C 64 -2.80 -12.74 29.57
CA LYS C 64 -3.44 -11.98 30.63
C LYS C 64 -3.37 -10.47 30.39
N LYS C 65 -2.33 -10.03 29.69
CA LYS C 65 -2.15 -8.61 29.38
C LYS C 65 -2.92 -8.19 28.14
N LEU C 66 -3.48 -9.16 27.42
CA LEU C 66 -4.29 -8.84 26.25
C LEU C 66 -5.55 -8.10 26.68
N PRO C 67 -5.79 -6.91 26.10
CA PRO C 67 -6.88 -6.03 26.50
C PRO C 67 -8.24 -6.71 26.52
N GLY C 68 -8.83 -6.84 27.71
CA GLY C 68 -10.16 -7.39 27.86
C GLY C 68 -10.20 -8.84 28.31
N PHE C 69 -9.10 -9.55 28.14
CA PHE C 69 -9.07 -10.99 28.44
C PHE C 69 -9.51 -11.29 29.87
N GLN C 70 -9.08 -10.45 30.81
CA GLN C 70 -9.39 -10.66 32.23
C GLN C 70 -10.87 -10.49 32.54
N THR C 71 -11.61 -9.84 31.63
CA THR C 71 -13.03 -9.61 31.84
C THR C 71 -13.88 -10.74 31.25
N LEU C 72 -13.22 -11.76 30.73
CA LEU C 72 -13.92 -12.88 30.11
C LEU C 72 -14.36 -13.93 31.14
N ASP C 73 -15.36 -14.71 30.77
CA ASP C 73 -15.80 -15.82 31.61
C ASP C 73 -14.60 -16.69 31.97
N HIS C 74 -14.53 -17.09 33.23
CA HIS C 74 -13.37 -17.84 33.73
C HIS C 74 -13.01 -19.06 32.88
N GLU C 75 -13.98 -19.95 32.68
CA GLU C 75 -13.71 -21.19 31.95
C GLU C 75 -13.57 -20.95 30.45
N ASP C 76 -14.00 -19.78 29.98
CA ASP C 76 -13.77 -19.40 28.59
C ASP C 76 -12.31 -19.00 28.42
N GLN C 77 -11.75 -18.37 29.44
CA GLN C 77 -10.33 -18.01 29.43
C GLN C 77 -9.46 -19.25 29.30
N ILE C 78 -9.89 -20.34 29.94
CA ILE C 78 -9.16 -21.60 29.91
C ILE C 78 -9.27 -22.30 28.55
N ALA C 79 -10.47 -22.28 27.97
CA ALA C 79 -10.70 -22.90 26.67
C ALA C 79 -9.86 -22.22 25.59
N LEU C 80 -9.63 -20.92 25.75
CA LEU C 80 -8.84 -20.15 24.80
C LEU C 80 -7.37 -20.53 24.84
N LEU C 81 -6.84 -20.70 26.04
CA LEU C 81 -5.42 -21.03 26.21
C LEU C 81 -5.09 -22.44 25.76
N LYS C 82 -5.93 -23.41 26.14
CA LYS C 82 -5.76 -24.78 25.67
C LYS C 82 -5.87 -24.86 24.16
N GLY C 83 -6.78 -24.08 23.59
CA GLY C 83 -7.04 -24.13 22.17
C GLY C 83 -5.99 -23.45 21.30
N SER C 84 -5.15 -22.62 21.90
CA SER C 84 -4.20 -21.83 21.12
C SER C 84 -2.75 -22.16 21.46
N ALA C 85 -2.52 -22.87 22.56
CA ALA C 85 -1.18 -23.13 23.04
C ALA C 85 -0.28 -23.79 21.99
N VAL C 86 -0.74 -24.89 21.41
CA VAL C 86 0.05 -25.61 20.41
C VAL C 86 0.28 -24.78 19.16
N GLU C 87 -0.77 -24.11 18.69
CA GLU C 87 -0.67 -23.25 17.53
C GLU C 87 0.34 -22.13 17.79
N ALA C 88 0.27 -21.55 18.98
CA ALA C 88 1.19 -20.50 19.37
C ALA C 88 2.62 -20.99 19.32
N MET C 89 2.84 -22.23 19.76
CA MET C 89 4.17 -22.81 19.79
C MET C 89 4.76 -22.90 18.39
N PHE C 90 3.98 -23.40 17.44
CA PHE C 90 4.45 -23.57 16.08
C PHE C 90 4.64 -22.24 15.37
N LEU C 91 3.77 -21.27 15.66
CA LEU C 91 3.94 -19.94 15.10
C LEU C 91 5.25 -19.33 15.58
N ARG C 92 5.54 -19.52 16.86
CA ARG C 92 6.78 -19.02 17.47
C ARG C 92 8.00 -19.72 16.88
N SER C 93 7.89 -21.03 16.66
CA SER C 93 8.97 -21.80 16.07
C SER C 93 9.24 -21.32 14.64
N ALA C 94 8.18 -20.97 13.92
CA ALA C 94 8.33 -20.47 12.57
C ALA C 94 9.12 -19.16 12.55
N GLU C 95 8.76 -18.25 13.45
CA GLU C 95 9.46 -16.98 13.55
C GLU C 95 10.95 -17.20 13.79
N ILE C 96 11.27 -18.06 14.76
CA ILE C 96 12.64 -18.37 15.10
C ILE C 96 13.39 -18.97 13.92
N PHE C 97 12.78 -19.94 13.27
CA PHE C 97 13.39 -20.61 12.12
C PHE C 97 13.77 -19.61 11.03
N ASN C 98 12.97 -18.56 10.89
CA ASN C 98 13.16 -17.60 9.81
C ASN C 98 14.07 -16.42 10.16
N LYS C 99 14.48 -16.32 11.42
CA LYS C 99 15.40 -15.26 11.83
C LYS C 99 16.69 -15.32 11.02
N LYS C 100 17.14 -14.17 10.55
CA LYS C 100 18.38 -14.09 9.79
C LYS C 100 19.56 -14.65 10.57
N LEU C 101 20.28 -15.58 9.95
CA LEU C 101 21.44 -16.21 10.56
C LEU C 101 22.65 -16.12 9.65
N PRO C 102 23.86 -16.33 10.22
CA PRO C 102 25.09 -16.36 9.43
C PRO C 102 24.99 -17.38 8.28
N SER C 103 25.85 -17.23 7.28
CA SER C 103 25.81 -18.08 6.09
C SER C 103 25.91 -19.56 6.44
N GLY C 104 24.96 -20.34 5.94
CA GLY C 104 24.95 -21.77 6.18
C GLY C 104 24.35 -22.19 7.51
N HIS C 105 24.34 -21.28 8.48
CA HIS C 105 23.81 -21.58 9.80
C HIS C 105 22.37 -22.12 9.73
N SER C 106 21.55 -21.48 8.91
CA SER C 106 20.16 -21.89 8.78
C SER C 106 20.05 -23.27 8.13
N ASP C 107 20.96 -23.58 7.23
CA ASP C 107 20.96 -24.87 6.55
C ASP C 107 21.25 -25.99 7.53
N LEU C 108 22.23 -25.77 8.41
CA LEU C 108 22.55 -26.72 9.47
C LEU C 108 21.40 -26.78 10.46
N LEU C 109 20.79 -25.64 10.71
CA LEU C 109 19.65 -25.55 11.63
C LEU C 109 18.54 -26.49 11.18
N GLU C 110 18.13 -26.35 9.92
CA GLU C 110 17.10 -27.22 9.36
C GLU C 110 17.52 -28.68 9.48
N ALA C 111 18.78 -28.96 9.16
CA ALA C 111 19.30 -30.32 9.21
C ALA C 111 19.18 -30.91 10.62
N ARG C 112 19.71 -30.19 11.61
CA ARG C 112 19.66 -30.63 12.99
C ARG C 112 18.23 -30.96 13.43
N ILE C 113 17.28 -30.21 12.90
CA ILE C 113 15.88 -30.37 13.27
C ILE C 113 15.22 -31.58 12.60
N ARG C 114 15.47 -31.76 11.30
CA ARG C 114 14.93 -32.91 10.59
C ARG C 114 15.32 -34.21 11.28
N ASN C 115 16.41 -34.17 12.04
CA ASN C 115 16.92 -35.35 12.71
C ASN C 115 16.71 -35.28 14.23
N SER C 116 15.82 -34.40 14.66
CA SER C 116 15.55 -34.20 16.08
C SER C 116 15.00 -35.47 16.74
N GLY C 117 14.34 -36.30 15.94
CA GLY C 117 13.75 -37.53 16.45
C GLY C 117 12.30 -37.66 16.02
N ILE C 118 11.74 -36.54 15.56
CA ILE C 118 10.38 -36.52 15.08
C ILE C 118 10.25 -37.23 13.74
N SER C 119 9.21 -38.04 13.60
CA SER C 119 8.97 -38.78 12.36
C SER C 119 9.02 -37.84 11.17
N ASP C 120 9.54 -38.34 10.04
CA ASP C 120 9.69 -37.51 8.86
C ASP C 120 8.35 -37.16 8.24
N GLU C 121 7.32 -37.94 8.57
CA GLU C 121 5.97 -37.67 8.09
C GLU C 121 5.46 -36.32 8.57
N TYR C 122 5.92 -35.89 9.74
CA TYR C 122 5.46 -34.64 10.33
C TYR C 122 6.46 -33.50 10.13
N ILE C 123 7.73 -33.85 9.92
CA ILE C 123 8.77 -32.84 9.78
C ILE C 123 8.68 -32.13 8.44
N THR C 124 8.07 -32.80 7.45
CA THR C 124 7.95 -32.24 6.11
C THR C 124 6.95 -31.08 6.04
N PRO C 125 5.68 -31.34 6.40
CA PRO C 125 4.68 -30.26 6.34
C PRO C 125 5.05 -29.13 7.30
N MET C 126 5.85 -29.44 8.30
CA MET C 126 6.28 -28.46 9.28
C MET C 126 7.21 -27.44 8.63
N PHE C 127 8.15 -27.92 7.83
CA PHE C 127 9.11 -27.06 7.15
C PHE C 127 8.48 -26.27 6.02
N SER C 128 7.54 -26.88 5.31
CA SER C 128 6.82 -26.18 4.27
C SER C 128 6.06 -25.00 4.87
N PHE C 129 5.61 -25.15 6.11
CA PHE C 129 4.96 -24.07 6.83
C PHE C 129 5.97 -22.99 7.22
N TYR C 130 7.10 -23.41 7.78
CA TYR C 130 8.15 -22.49 8.17
C TYR C 130 8.59 -21.66 6.98
N LYS C 131 8.95 -22.33 5.88
CA LYS C 131 9.48 -21.66 4.70
C LYS C 131 8.46 -20.71 4.05
N SER C 132 7.19 -21.13 4.02
CA SER C 132 6.14 -20.29 3.45
C SER C 132 5.89 -19.07 4.32
N ILE C 133 5.78 -19.29 5.62
CA ILE C 133 5.64 -18.20 6.59
C ILE C 133 6.73 -17.16 6.37
N GLY C 134 7.95 -17.64 6.11
CA GLY C 134 9.08 -16.76 5.89
C GLY C 134 8.94 -15.91 4.65
N GLU C 135 8.33 -16.47 3.61
CA GLU C 135 8.11 -15.76 2.36
C GLU C 135 7.38 -14.44 2.58
N LEU C 136 6.48 -14.44 3.56
CA LEU C 136 5.66 -13.26 3.86
C LEU C 136 6.51 -12.09 4.34
N LYS C 137 7.75 -12.36 4.71
CA LYS C 137 8.66 -11.32 5.21
C LYS C 137 8.01 -10.50 6.31
N MET C 138 7.52 -11.19 7.34
CA MET C 138 6.80 -10.54 8.43
C MET C 138 7.73 -9.85 9.42
N THR C 139 7.30 -8.70 9.95
CA THR C 139 8.03 -8.03 11.01
C THR C 139 7.65 -8.65 12.35
N GLN C 140 8.38 -8.31 13.40
CA GLN C 140 8.10 -8.87 14.72
C GLN C 140 6.72 -8.47 15.22
N GLU C 141 6.26 -7.29 14.81
CA GLU C 141 4.95 -6.80 15.22
C GLU C 141 3.80 -7.63 14.66
N GLU C 142 3.94 -8.06 13.41
CA GLU C 142 2.92 -8.89 12.77
C GLU C 142 2.88 -10.27 13.40
N TYR C 143 4.01 -10.71 13.91
CA TYR C 143 4.08 -11.97 14.66
C TYR C 143 3.32 -11.85 15.97
N ALA C 144 3.53 -10.72 16.66
CA ALA C 144 2.88 -10.49 17.94
C ALA C 144 1.36 -10.43 17.78
N LEU C 145 0.89 -9.65 16.81
CA LEU C 145 -0.53 -9.51 16.58
C LEU C 145 -1.14 -10.83 16.12
N LEU C 146 -0.50 -11.48 15.16
CA LEU C 146 -0.98 -12.76 14.67
C LEU C 146 -1.15 -13.74 15.82
N THR C 147 -0.20 -13.72 16.75
CA THR C 147 -0.27 -14.58 17.92
C THR C 147 -1.46 -14.21 18.80
N ALA C 148 -1.59 -12.92 19.10
CA ALA C 148 -2.72 -12.44 19.88
C ALA C 148 -4.03 -12.86 19.23
N ILE C 149 -4.07 -12.77 17.91
CA ILE C 149 -5.25 -13.14 17.14
C ILE C 149 -5.55 -14.64 17.22
N VAL C 150 -4.49 -15.45 17.23
CA VAL C 150 -4.65 -16.89 17.39
C VAL C 150 -5.24 -17.23 18.75
N ILE C 151 -4.78 -16.54 19.79
CA ILE C 151 -5.27 -16.76 21.14
C ILE C 151 -6.74 -16.34 21.29
N LEU C 152 -7.09 -15.20 20.72
CA LEU C 152 -8.45 -14.68 20.82
C LEU C 152 -9.32 -15.18 19.67
N SER C 153 -9.30 -16.48 19.43
CA SER C 153 -10.12 -17.08 18.38
C SER C 153 -11.46 -17.55 18.95
N PRO C 154 -12.56 -16.98 18.44
CA PRO C 154 -13.92 -17.29 18.90
C PRO C 154 -14.36 -18.68 18.47
N ASP C 155 -13.57 -19.32 17.61
CA ASP C 155 -13.93 -20.61 17.05
C ASP C 155 -13.31 -21.79 17.80
N ARG C 156 -12.89 -21.56 19.04
CA ARG C 156 -12.42 -22.64 19.88
C ARG C 156 -13.61 -23.37 20.45
N GLN C 157 -13.57 -24.69 20.44
CA GLN C 157 -14.66 -25.47 21.01
C GLN C 157 -14.72 -25.23 22.52
N TYR C 158 -15.89 -25.50 23.10
CA TYR C 158 -16.10 -25.32 24.54
C TYR C 158 -16.30 -23.85 24.95
N ILE C 159 -16.19 -22.94 23.98
CA ILE C 159 -16.40 -21.52 24.25
C ILE C 159 -17.89 -21.22 24.40
N LYS C 160 -18.25 -20.57 25.51
CA LYS C 160 -19.65 -20.23 25.77
C LYS C 160 -20.07 -18.93 25.09
N ASP C 161 -19.51 -17.81 25.54
CA ASP C 161 -19.82 -16.52 24.94
C ASP C 161 -18.88 -16.21 23.78
N ARG C 162 -19.21 -16.75 22.62
CA ARG C 162 -18.37 -16.61 21.43
C ARG C 162 -18.26 -15.17 20.95
N GLU C 163 -19.32 -14.38 21.15
CA GLU C 163 -19.33 -12.99 20.69
C GLU C 163 -18.46 -12.10 21.57
N ALA C 164 -18.36 -12.42 22.84
CA ALA C 164 -17.51 -11.65 23.76
C ALA C 164 -16.05 -11.78 23.32
N VAL C 165 -15.69 -12.95 22.79
CA VAL C 165 -14.34 -13.19 22.32
C VAL C 165 -14.06 -12.40 21.05
N GLU C 166 -15.03 -12.36 20.15
CA GLU C 166 -14.89 -11.65 18.89
C GLU C 166 -14.64 -10.16 19.12
N LYS C 167 -15.35 -9.58 20.09
CA LYS C 167 -15.20 -8.16 20.40
C LYS C 167 -13.75 -7.83 20.73
N LEU C 168 -13.04 -8.79 21.30
CA LEU C 168 -11.65 -8.57 21.72
C LEU C 168 -10.67 -8.78 20.57
N GLN C 169 -11.01 -9.67 19.65
CA GLN C 169 -10.11 -10.02 18.55
C GLN C 169 -10.12 -8.98 17.42
N GLU C 170 -11.28 -8.39 17.17
CA GLU C 170 -11.43 -7.49 16.02
C GLU C 170 -10.56 -6.23 16.06
N PRO C 171 -10.38 -5.62 17.26
CA PRO C 171 -9.48 -4.46 17.30
C PRO C 171 -8.05 -4.84 16.94
N LEU C 172 -7.68 -6.10 17.18
CA LEU C 172 -6.33 -6.58 16.85
C LEU C 172 -6.19 -6.85 15.34
N LEU C 173 -7.23 -7.41 14.75
CA LEU C 173 -7.25 -7.62 13.30
C LEU C 173 -7.08 -6.31 12.55
N ASP C 174 -7.75 -5.27 13.05
CA ASP C 174 -7.64 -3.94 12.45
C ASP C 174 -6.19 -3.48 12.38
N VAL C 175 -5.50 -3.57 13.51
CA VAL C 175 -4.09 -3.16 13.55
C VAL C 175 -3.25 -4.00 12.60
N LEU C 176 -3.39 -5.31 12.68
CA LEU C 176 -2.64 -6.20 11.80
C LEU C 176 -2.90 -5.82 10.35
N GLN C 177 -4.16 -5.54 10.03
CA GLN C 177 -4.54 -5.11 8.69
C GLN C 177 -3.75 -3.88 8.25
N LYS C 178 -3.75 -2.86 9.09
CA LYS C 178 -3.04 -1.63 8.79
C LYS C 178 -1.54 -1.87 8.67
N LEU C 179 -1.00 -2.73 9.53
CA LEU C 179 0.41 -3.07 9.47
C LEU C 179 0.76 -3.70 8.12
N CYS C 180 -0.09 -4.61 7.67
CA CYS C 180 0.13 -5.29 6.39
C CYS C 180 0.20 -4.30 5.23
N LYS C 181 -0.63 -3.27 5.28
CA LYS C 181 -0.68 -2.27 4.22
C LYS C 181 0.46 -1.25 4.31
N ILE C 182 1.27 -1.36 5.35
CA ILE C 182 2.40 -0.45 5.53
C ILE C 182 3.73 -1.09 5.17
N HIS C 183 3.99 -2.26 5.75
CA HIS C 183 5.27 -2.95 5.55
C HIS C 183 5.29 -3.74 4.24
N GLN C 184 4.10 -3.98 3.69
CA GLN C 184 3.98 -4.69 2.41
C GLN C 184 3.00 -3.93 1.51
N PRO C 185 3.35 -2.70 1.14
CA PRO C 185 2.46 -1.84 0.34
C PRO C 185 2.27 -2.37 -1.09
N GLU C 186 3.27 -3.07 -1.60
CA GLU C 186 3.21 -3.61 -2.96
C GLU C 186 2.20 -4.75 -3.07
N ASN C 187 2.26 -5.67 -2.11
CA ASN C 187 1.38 -6.83 -2.09
C ASN C 187 0.08 -6.59 -1.32
N PRO C 188 -1.03 -6.41 -2.05
CA PRO C 188 -2.33 -6.13 -1.42
C PRO C 188 -3.07 -7.40 -1.01
N GLN C 189 -2.36 -8.52 -1.05
CA GLN C 189 -2.95 -9.80 -0.67
C GLN C 189 -2.26 -10.35 0.57
N HIS C 190 -1.36 -9.55 1.15
CA HIS C 190 -0.54 -10.01 2.27
C HIS C 190 -1.35 -10.33 3.51
N PHE C 191 -2.38 -9.53 3.78
CA PHE C 191 -3.20 -9.74 4.97
C PHE C 191 -4.03 -11.01 4.88
N ALA C 192 -4.49 -11.33 3.68
CA ALA C 192 -5.25 -12.56 3.46
C ALA C 192 -4.33 -13.79 3.64
N CYS C 193 -3.06 -13.61 3.31
CA CYS C 193 -2.09 -14.69 3.48
C CYS C 193 -1.87 -15.02 4.96
N LEU C 194 -1.87 -13.99 5.81
CA LEU C 194 -1.69 -14.18 7.24
C LEU C 194 -2.87 -14.93 7.86
N LEU C 195 -4.08 -14.57 7.44
CA LEU C 195 -5.27 -15.20 7.97
C LEU C 195 -5.36 -16.66 7.52
N GLY C 196 -4.80 -16.94 6.35
CA GLY C 196 -4.74 -18.30 5.85
C GLY C 196 -3.81 -19.18 6.67
N ARG C 197 -2.75 -18.57 7.17
CA ARG C 197 -1.78 -19.28 8.00
C ARG C 197 -2.45 -19.86 9.25
N LEU C 198 -3.46 -19.16 9.75
CA LEU C 198 -4.16 -19.61 10.95
C LEU C 198 -4.97 -20.88 10.70
N THR C 199 -5.37 -21.09 9.45
CA THR C 199 -6.05 -22.32 9.08
C THR C 199 -5.02 -23.44 8.98
N GLU C 200 -3.83 -23.10 8.50
CA GLU C 200 -2.74 -24.05 8.39
C GLU C 200 -2.18 -24.42 9.77
N LEU C 201 -2.17 -23.45 10.68
CA LEU C 201 -1.74 -23.69 12.05
C LEU C 201 -2.63 -24.73 12.73
N ARG C 202 -3.93 -24.68 12.42
CA ARG C 202 -4.90 -25.56 13.05
C ARG C 202 -4.68 -27.03 12.72
N THR C 203 -4.01 -27.30 11.60
CA THR C 203 -3.75 -28.69 11.20
C THR C 203 -2.69 -29.34 12.09
N PHE C 204 -1.69 -28.56 12.51
CA PHE C 204 -0.69 -29.06 13.44
C PHE C 204 -1.34 -29.42 14.77
N ASN C 205 -2.32 -28.62 15.16
CA ASN C 205 -3.05 -28.84 16.39
C ASN C 205 -3.73 -30.21 16.40
N HIS C 206 -4.16 -30.64 15.22
CA HIS C 206 -4.88 -31.91 15.09
C HIS C 206 -3.99 -33.12 15.35
N HIS C 207 -2.82 -33.14 14.73
CA HIS C 207 -1.95 -34.32 14.78
C HIS C 207 -0.81 -34.18 15.77
N HIS C 208 -0.91 -33.22 16.68
CA HIS C 208 0.18 -32.94 17.62
C HIS C 208 0.45 -34.13 18.56
N ALA C 209 -0.61 -34.78 19.02
CA ALA C 209 -0.48 -35.95 19.88
C ALA C 209 0.31 -37.06 19.19
N GLU C 210 -0.13 -37.43 17.99
CA GLU C 210 0.58 -38.43 17.19
C GLU C 210 2.02 -37.99 16.96
N MET C 211 2.19 -36.71 16.64
CA MET C 211 3.49 -36.15 16.34
C MET C 211 4.46 -36.24 17.53
N LEU C 212 3.90 -36.16 18.74
CA LEU C 212 4.72 -36.26 19.94
C LEU C 212 4.94 -37.72 20.34
N MET C 213 3.95 -38.56 20.09
CA MET C 213 4.02 -39.97 20.50
C MET C 213 4.70 -40.83 19.44
N SER C 214 5.25 -40.20 18.42
CA SER C 214 5.99 -40.91 17.37
C SER C 214 7.45 -40.47 17.37
N TRP C 215 7.86 -39.79 18.44
CA TRP C 215 9.23 -39.35 18.61
C TRP C 215 10.08 -40.56 18.97
N ARG C 216 11.26 -40.68 18.36
CA ARG C 216 12.13 -41.84 18.59
C ARG C 216 12.75 -41.82 19.98
N VAL C 217 11.92 -42.10 20.99
CA VAL C 217 12.36 -42.14 22.37
C VAL C 217 11.61 -43.24 23.12
N ASN C 218 12.25 -43.82 24.13
CA ASN C 218 11.63 -44.88 24.92
C ASN C 218 10.42 -44.39 25.72
N ASP C 219 10.66 -43.54 26.70
CA ASP C 219 9.57 -43.02 27.53
C ASP C 219 9.19 -41.60 27.17
N HIS C 220 7.92 -41.38 26.88
CA HIS C 220 7.40 -40.06 26.54
C HIS C 220 6.84 -39.39 27.78
N LYS C 221 7.72 -38.86 28.62
CA LYS C 221 7.31 -38.23 29.87
C LYS C 221 7.24 -36.71 29.71
N PHE C 222 6.06 -36.16 29.98
CA PHE C 222 5.86 -34.72 29.89
C PHE C 222 5.75 -34.10 31.27
N THR C 223 5.90 -32.78 31.34
CA THR C 223 5.71 -32.06 32.58
C THR C 223 4.21 -31.97 32.87
N PRO C 224 3.84 -31.87 34.16
CA PRO C 224 2.44 -31.78 34.58
C PRO C 224 1.68 -30.66 33.86
N LEU C 225 2.34 -29.54 33.61
CA LEU C 225 1.70 -28.40 32.96
C LEU C 225 1.40 -28.71 31.49
N LEU C 226 2.34 -29.38 30.83
CA LEU C 226 2.15 -29.77 29.43
C LEU C 226 0.98 -30.74 29.27
N CYS C 227 0.72 -31.53 30.31
CA CYS C 227 -0.39 -32.48 30.29
C CYS C 227 -1.74 -31.77 30.30
N GLU C 228 -1.78 -30.58 30.90
CA GLU C 228 -3.00 -29.79 30.92
C GLU C 228 -3.25 -29.13 29.58
N ILE C 229 -2.18 -28.94 28.82
CA ILE C 229 -2.25 -28.17 27.58
C ILE C 229 -2.23 -29.06 26.34
N TRP C 230 -1.65 -30.24 26.47
CA TRP C 230 -1.44 -31.11 25.32
C TRP C 230 -2.24 -32.41 25.35
N ASP C 231 -2.78 -32.75 26.51
CA ASP C 231 -3.52 -34.01 26.66
C ASP C 231 -2.64 -35.20 26.33
N VAL C 232 -1.48 -35.28 26.99
CA VAL C 232 -0.56 -36.39 26.83
C VAL C 232 -0.33 -37.09 28.17
N GLN C 233 0.20 -38.31 28.13
CA GLN C 233 0.36 -39.13 29.33
C GLN C 233 -0.94 -39.22 30.13
N HIS D 3 -7.42 -28.86 35.28
CA HIS D 3 -6.43 -27.89 34.81
C HIS D 3 -6.14 -26.84 35.88
N GLN D 4 -5.69 -27.30 37.04
CA GLN D 4 -5.43 -26.42 38.17
C GLN D 4 -4.26 -25.47 37.93
N LEU D 5 -3.22 -25.98 37.28
CA LEU D 5 -2.01 -25.19 37.02
C LEU D 5 -2.34 -23.99 36.13
N LEU D 6 -3.24 -24.21 35.17
CA LEU D 6 -3.70 -23.13 34.31
C LEU D 6 -4.52 -22.12 35.12
N ARG D 7 -5.41 -22.62 35.96
CA ARG D 7 -6.21 -21.77 36.84
C ARG D 7 -5.30 -20.93 37.75
N TYR D 8 -4.26 -21.55 38.28
CA TYR D 8 -3.32 -20.85 39.14
C TYR D 8 -2.62 -19.73 38.38
N LEU D 9 -2.09 -20.04 37.21
CA LEU D 9 -1.36 -19.08 36.41
C LEU D 9 -2.21 -17.87 35.99
N LEU D 10 -3.52 -18.09 35.86
CA LEU D 10 -4.42 -17.03 35.43
C LEU D 10 -4.88 -16.12 36.57
N ASP D 11 -4.88 -16.64 37.80
CA ASP D 11 -5.42 -15.90 38.92
C ASP D 11 -4.36 -15.36 39.87
N LYS D 12 -3.31 -14.76 39.31
CA LYS D 12 -2.26 -14.14 40.13
C LYS D 12 -1.35 -13.23 39.31
C1 OKI E . -0.01 12.35 -10.71
N2 OKI E . 1.38 12.11 -10.92
N3 OKI E . -0.79 11.61 -11.51
C4 OKI E . 3.33 13.56 -11.18
C5 OKI E . 2.47 12.72 -10.20
C6 OKI E . 1.45 11.13 -11.92
C7 OKI E . 0.08 10.82 -12.27
N8 OKI E . 2.63 14.39 -12.00
C9 OKI E . -0.48 13.35 -9.74
O10 OKI E . 4.58 13.48 -11.20
C11 OKI E . 3.35 11.75 -9.37
C12 OKI E . -0.56 14.70 -10.13
C13 OKI E . -0.83 12.97 -8.44
C14 OKI E . -1.35 15.29 -7.93
C15 OKI E . 3.22 15.21 -13.04
C16 OKI E . -0.99 15.67 -9.22
C17 OKI E . -1.27 13.94 -7.53
CL18 OKI E . -1.88 16.48 -6.84
C19 OKI E . 2.53 10.47 -12.54
C20 OKI E . -0.18 9.86 -13.26
C21 OKI E . 2.55 10.55 -8.88
C22 OKI E . 3.95 12.51 -8.19
C23 OKI E . 2.58 16.61 -13.08
C24 OKI E . 3.03 14.54 -14.42
C25 OKI E . 2.23 9.53 -13.52
C26 OKI E . 0.90 9.23 -13.86
C27 OKI E . 4.78 11.58 -7.32
C28 OKI E . 3.33 9.67 -7.92
C29 OKI E . 3.66 15.40 -15.50
C30 OKI E . 3.17 17.46 -14.17
C31 OKI E . 3.93 10.46 -6.78
C32 OKI E . 3.01 16.76 -15.51
C1 OKI F . 10.67 -26.82 16.48
N2 OKI F . 11.68 -26.44 17.41
N3 OKI F . 10.70 -26.10 15.34
C4 OKI F . 11.76 -25.97 19.82
C5 OKI F . 11.92 -27.04 18.70
C6 OKI F . 12.40 -25.40 16.80
C7 OKI F . 11.77 -25.19 15.50
N8 OKI F . 10.54 -25.36 19.88
C9 OKI F . 9.71 -27.89 16.78
O10 OKI F . 12.68 -25.70 20.61
C11 OKI F . 13.29 -27.74 18.85
C12 OKI F . 8.55 -27.62 17.52
C13 OKI F . 9.94 -29.19 16.31
C14 OKI F . 7.89 -29.92 17.34
C15 OKI F . 10.23 -24.26 20.78
C16 OKI F . 7.64 -28.62 17.80
C17 OKI F . 9.03 -30.22 16.59
CL18 OKI F . 6.78 -31.15 17.69
C19 OKI F . 13.50 -24.62 17.21
C20 OKI F . 12.26 -24.20 14.64
C21 OKI F . 13.77 -28.31 17.52
C22 OKI F . 13.16 -28.84 19.90
C23 OKI F . 8.72 -24.08 20.98
C24 OKI F . 10.79 -22.92 20.25
C25 OKI F . 13.96 -23.66 16.34
C26 OKI F . 13.35 -23.46 15.07
C27 OKI F . 14.48 -29.55 20.06
C28 OKI F . 15.05 -29.09 17.68
C29 OKI F . 10.54 -21.80 21.23
C30 OKI F . 8.45 -22.99 21.99
C31 OKI F . 14.94 -30.15 18.75
C32 OKI F . 9.05 -21.67 21.52
#